data_4V08
#
_entry.id   4V08
#
_cell.length_a   52.062
_cell.length_b   76.226
_cell.length_c   111.055
_cell.angle_alpha   90.00
_cell.angle_beta   90.00
_cell.angle_gamma   90.00
#
_symmetry.space_group_name_H-M   'P 21 21 21'
#
loop_
_entity.id
_entity.type
_entity.pdbx_description
1 polymer UL26
2 non-polymer 'DIISOPROPYL PHOSPHONATE'
3 non-polymer 'CHLORIDE ION'
4 non-polymer 'MAGNESIUM ION'
5 water water
#
_entity_poly.entity_id   1
_entity_poly.type   'polypeptide(L)'
_entity_poly.pdbx_seq_one_letter_code
;MGSSHHHHHHSSGLVPRGSHMGPVYVSGYLALYDRDGGELALTREIVAAALPPAGPLPINIDHRPRCDIGAVLAVVDDDR
GPFFLGVVNCPQLGAVLARAVGPDFFGDMRLSDEERLLYLLSNYLPSASLSSRRLAPGEAPDETLFAHVALCVIGRRVGT
IVVYDASPEAAVAPFRQLSARARSELLARAAESPDRERVWHMSEEALTRALLSTAVNNMLLRDRWELVAARRREAGVRGH
TYLQ
;
_entity_poly.pdbx_strand_id   A,B
#
# COMPACT_ATOMS: atom_id res chain seq x y z
N MET A 21 -1.27 -24.03 7.82
CA MET A 21 -2.29 -22.94 7.76
C MET A 21 -3.51 -23.29 8.66
N GLY A 22 -3.39 -23.21 9.98
CA GLY A 22 -4.59 -23.23 10.84
C GLY A 22 -5.37 -21.93 10.51
N PRO A 23 -6.66 -21.85 10.88
CA PRO A 23 -7.40 -20.65 10.51
C PRO A 23 -7.12 -19.39 11.34
N VAL A 24 -7.63 -18.24 10.90
CA VAL A 24 -7.39 -16.94 11.52
C VAL A 24 -8.74 -16.54 12.07
N TYR A 25 -8.79 -15.92 13.22
CA TYR A 25 -10.05 -15.44 13.70
C TYR A 25 -10.04 -13.95 13.73
N VAL A 26 -11.19 -13.38 13.46
CA VAL A 26 -11.33 -11.96 13.42
C VAL A 26 -12.61 -11.54 14.11
N SER A 27 -12.54 -10.44 14.84
CA SER A 27 -13.71 -9.96 15.54
C SER A 27 -13.75 -8.46 15.70
N GLY A 28 -14.93 -7.97 16.05
CA GLY A 28 -15.10 -6.52 16.29
C GLY A 28 -16.53 -6.10 16.23
N TYR A 29 -16.76 -4.80 16.45
CA TYR A 29 -18.08 -4.24 16.37
C TYR A 29 -18.39 -3.94 14.93
N LEU A 30 -19.58 -4.33 14.49
CA LEU A 30 -20.07 -4.05 13.14
C LEU A 30 -20.70 -2.64 13.09
N ALA A 31 -21.18 -2.19 14.26
CA ALA A 31 -21.62 -0.84 14.47
C ALA A 31 -21.77 -0.59 15.95
N LEU A 32 -21.77 0.69 16.32
CA LEU A 32 -22.08 1.16 17.63
C LEU A 32 -23.41 1.97 17.65
N TYR A 33 -24.32 1.60 18.54
CA TYR A 33 -25.59 2.34 18.70
C TYR A 33 -25.37 3.83 19.06
N ASP A 34 -26.21 4.71 18.50
CA ASP A 34 -26.17 6.15 18.79
C ASP A 34 -24.92 6.86 18.34
N ARG A 35 -24.13 6.27 17.43
CA ARG A 35 -22.85 6.86 17.08
C ARG A 35 -22.68 7.27 15.60
N ASP A 36 -23.55 6.82 14.70
CA ASP A 36 -23.42 7.14 13.28
C ASP A 36 -24.50 8.15 12.90
N GLY A 37 -24.34 8.85 11.78
CA GLY A 37 -25.40 9.74 11.28
C GLY A 37 -26.30 8.95 10.34
N GLY A 38 -27.50 9.45 10.16
CA GLY A 38 -28.34 9.14 9.00
C GLY A 38 -28.27 7.81 8.29
N GLU A 39 -27.66 7.79 7.12
CA GLU A 39 -27.70 6.61 6.23
C GLU A 39 -26.95 5.41 6.81
N LEU A 40 -25.99 5.67 7.69
CA LEU A 40 -25.14 4.62 8.27
C LEU A 40 -25.68 4.04 9.59
N ALA A 41 -26.58 4.75 10.26
CA ALA A 41 -26.95 4.42 11.62
C ALA A 41 -27.79 3.16 11.64
N LEU A 42 -27.45 2.25 12.55
CA LEU A 42 -28.25 1.06 12.81
C LEU A 42 -28.90 1.22 14.19
N THR A 43 -30.22 1.10 14.25
CA THR A 43 -30.94 1.15 15.50
C THR A 43 -31.01 -0.22 16.22
N ARG A 44 -31.39 -0.20 17.48
CA ARG A 44 -31.53 -1.47 18.23
C ARG A 44 -32.61 -2.38 17.65
N GLU A 45 -33.74 -1.76 17.28
CA GLU A 45 -34.87 -2.53 16.79
C GLU A 45 -34.47 -3.21 15.52
N ILE A 46 -33.85 -2.46 14.63
CA ILE A 46 -33.43 -2.99 13.36
C ILE A 46 -32.42 -4.14 13.55
N VAL A 47 -31.42 -3.90 14.40
CA VAL A 47 -30.44 -4.94 14.75
C VAL A 47 -31.14 -6.22 15.32
N ALA A 48 -31.97 -6.06 16.36
CA ALA A 48 -32.72 -7.17 16.95
C ALA A 48 -33.49 -7.98 15.88
N ALA A 49 -34.09 -7.31 14.89
CA ALA A 49 -34.81 -8.01 13.84
C ALA A 49 -33.89 -8.73 12.88
N ALA A 50 -32.66 -8.23 12.76
CA ALA A 50 -31.72 -8.76 11.78
C ALA A 50 -31.00 -10.04 12.27
N LEU A 51 -31.04 -10.30 13.57
CA LEU A 51 -30.34 -11.44 14.16
C LEU A 51 -31.28 -12.58 14.58
N PRO A 52 -30.87 -13.83 14.40
CA PRO A 52 -29.60 -14.20 13.82
C PRO A 52 -29.67 -14.16 12.31
N PRO A 53 -28.61 -13.67 11.67
CA PRO A 53 -28.63 -13.68 10.22
C PRO A 53 -29.01 -15.06 9.73
N ALA A 54 -29.93 -15.09 8.78
CA ALA A 54 -30.64 -16.32 8.43
C ALA A 54 -29.90 -17.14 7.37
N GLY A 55 -28.67 -16.77 7.10
CA GLY A 55 -27.78 -17.57 6.27
C GLY A 55 -26.45 -17.00 6.65
N PRO A 56 -25.35 -17.70 6.35
CA PRO A 56 -24.02 -17.30 6.82
C PRO A 56 -23.56 -16.02 6.14
N LEU A 57 -22.83 -15.17 6.86
CA LEU A 57 -22.33 -13.91 6.29
C LEU A 57 -20.94 -14.07 5.75
N PRO A 58 -20.77 -13.93 4.44
CA PRO A 58 -19.38 -14.03 3.98
C PRO A 58 -18.52 -12.90 4.49
N ILE A 59 -17.24 -13.22 4.61
CA ILE A 59 -16.20 -12.22 4.81
C ILE A 59 -15.42 -12.10 3.52
N ASN A 60 -15.27 -10.88 3.03
CA ASN A 60 -14.49 -10.65 1.80
C ASN A 60 -13.57 -9.45 1.94
N ILE A 61 -12.80 -9.16 0.88
CA ILE A 61 -11.92 -8.02 0.88
C ILE A 61 -12.62 -6.93 0.11
N ASP A 62 -12.86 -5.78 0.75
CA ASP A 62 -13.44 -4.57 0.09
C ASP A 62 -14.74 -4.70 -0.72
N HIS A 63 -15.61 -5.64 -0.32
CA HIS A 63 -16.92 -5.87 -0.93
C HIS A 63 -16.79 -6.46 -2.31
N ARG A 64 -15.63 -7.03 -2.63
CA ARG A 64 -15.42 -7.53 -3.98
C ARG A 64 -16.17 -8.81 -4.21
N PRO A 65 -16.77 -8.99 -5.42
CA PRO A 65 -17.46 -10.26 -5.62
C PRO A 65 -16.39 -11.30 -5.88
N ARG A 66 -16.76 -12.57 -5.75
CA ARG A 66 -15.81 -13.64 -6.04
C ARG A 66 -14.52 -13.42 -5.24
N CYS A 67 -14.65 -12.93 -4.02
CA CYS A 67 -13.47 -12.69 -3.16
C CYS A 67 -13.72 -13.02 -1.66
N ASP A 68 -14.39 -14.15 -1.44
CA ASP A 68 -14.74 -14.64 -0.10
C ASP A 68 -13.51 -15.31 0.49
N ILE A 69 -13.12 -14.93 1.69
CA ILE A 69 -11.96 -15.56 2.36
C ILE A 69 -12.33 -16.16 3.71
N GLY A 70 -13.58 -16.00 4.07
CA GLY A 70 -14.02 -16.40 5.40
C GLY A 70 -15.50 -16.32 5.54
N ALA A 71 -15.98 -16.49 6.79
CA ALA A 71 -17.39 -16.31 7.11
C ALA A 71 -17.53 -15.79 8.55
N VAL A 72 -18.60 -15.09 8.82
CA VAL A 72 -18.92 -14.69 10.18
C VAL A 72 -19.43 -15.92 10.95
N LEU A 73 -18.86 -16.22 12.12
CA LEU A 73 -19.28 -17.40 12.86
C LEU A 73 -20.45 -17.11 13.78
N ALA A 74 -20.54 -15.91 14.32
CA ALA A 74 -21.66 -15.51 15.14
C ALA A 74 -21.65 -14.01 15.18
N VAL A 75 -22.81 -13.43 15.38
CA VAL A 75 -22.96 -12.01 15.75
C VAL A 75 -23.79 -11.98 16.97
N VAL A 76 -23.48 -11.09 17.90
CA VAL A 76 -24.30 -10.91 19.12
C VAL A 76 -24.64 -9.48 19.27
N ASP A 77 -25.75 -9.25 19.93
CA ASP A 77 -26.31 -7.92 20.15
C ASP A 77 -25.80 -7.41 21.46
N ASP A 78 -24.59 -6.91 21.48
CA ASP A 78 -24.00 -6.39 22.70
C ASP A 78 -24.69 -5.09 23.09
N ASP A 79 -24.62 -4.71 24.35
CA ASP A 79 -25.26 -3.47 24.82
C ASP A 79 -24.88 -2.28 23.91
N ARG A 80 -23.62 -2.22 23.52
CA ARG A 80 -23.09 -1.06 22.74
C ARG A 80 -23.31 -1.12 21.23
N GLY A 81 -23.62 -2.30 20.73
CA GLY A 81 -23.84 -2.51 19.29
C GLY A 81 -23.60 -3.95 18.88
N PRO A 82 -23.90 -4.27 17.63
CA PRO A 82 -23.68 -5.64 17.21
C PRO A 82 -22.19 -5.91 17.03
N PHE A 83 -21.79 -7.11 17.46
CA PHE A 83 -20.43 -7.52 17.56
C PHE A 83 -20.28 -8.88 16.92
N PHE A 84 -19.23 -9.08 16.13
CA PHE A 84 -19.11 -10.36 15.38
C PHE A 84 -17.81 -11.06 15.61
N LEU A 85 -17.81 -12.37 15.31
CA LEU A 85 -16.63 -13.15 15.31
C LEU A 85 -16.65 -13.95 14.04
N GLY A 86 -15.51 -13.97 13.32
CA GLY A 86 -15.40 -14.62 12.05
C GLY A 86 -14.15 -15.47 11.98
N VAL A 87 -14.12 -16.32 10.98
CA VAL A 87 -12.95 -17.11 10.69
C VAL A 87 -12.53 -16.72 9.28
N VAL A 88 -11.22 -16.58 9.10
CA VAL A 88 -10.64 -16.38 7.80
C VAL A 88 -9.70 -17.58 7.63
N ASN A 89 -9.99 -18.41 6.62
CA ASN A 89 -9.19 -19.59 6.34
C ASN A 89 -8.91 -19.77 4.84
N CYS A 90 -7.91 -19.04 4.37
CA CYS A 90 -7.54 -18.97 2.98
C CYS A 90 -6.04 -19.16 2.84
N PRO A 91 -5.62 -20.37 2.48
CA PRO A 91 -4.19 -20.72 2.44
C PRO A 91 -3.35 -19.75 1.62
N GLN A 92 -3.91 -19.23 0.55
CA GLN A 92 -3.16 -18.46 -0.40
C GLN A 92 -2.90 -17.07 0.13
N LEU A 93 -3.72 -16.64 1.08
CA LEU A 93 -3.61 -15.32 1.66
C LEU A 93 -2.26 -15.13 2.37
N GLY A 94 -1.92 -16.12 3.22
CA GLY A 94 -0.63 -16.20 3.94
C GLY A 94 0.50 -16.14 2.93
N ALA A 95 0.40 -16.90 1.86
CA ALA A 95 1.53 -16.97 0.88
C ALA A 95 1.74 -15.63 0.15
N VAL A 96 0.63 -14.99 -0.22
CA VAL A 96 0.65 -13.74 -0.99
C VAL A 96 1.18 -12.61 -0.13
N LEU A 97 0.75 -12.55 1.13
CA LEU A 97 1.23 -11.50 2.00
C LEU A 97 2.70 -11.70 2.36
N ALA A 98 3.08 -12.95 2.60
CA ALA A 98 4.43 -13.25 3.02
C ALA A 98 5.41 -12.97 1.90
N ARG A 99 5.05 -13.26 0.64
CA ARG A 99 5.91 -12.95 -0.58
C ARG A 99 6.19 -11.44 -0.67
N ALA A 100 5.22 -10.66 -0.27
CA ALA A 100 5.28 -9.22 -0.43
C ALA A 100 6.18 -8.49 0.51
N VAL A 101 6.39 -9.02 1.71
CA VAL A 101 7.16 -8.29 2.72
C VAL A 101 8.60 -8.37 2.33
N GLY A 102 9.30 -7.26 2.50
CA GLY A 102 10.66 -7.17 2.06
C GLY A 102 11.51 -7.89 3.07
N PRO A 103 12.73 -8.21 2.68
CA PRO A 103 13.49 -9.17 3.45
C PRO A 103 13.94 -8.65 4.81
N ASP A 104 13.83 -7.35 5.09
CA ASP A 104 14.23 -6.77 6.40
C ASP A 104 13.08 -6.32 7.29
N PHE A 105 11.84 -6.59 6.90
CA PHE A 105 10.68 -5.95 7.51
C PHE A 105 10.51 -6.32 8.98
N PHE A 106 10.82 -7.58 9.28
CA PHE A 106 10.71 -8.13 10.66
C PHE A 106 11.99 -8.09 11.48
N GLY A 107 12.99 -7.37 11.00
CA GLY A 107 14.25 -7.25 11.74
C GLY A 107 14.91 -8.59 11.97
N ASP A 108 15.32 -8.87 13.22
CA ASP A 108 15.90 -10.16 13.56
C ASP A 108 14.88 -11.09 14.18
N MET A 109 13.61 -10.70 14.18
CA MET A 109 12.55 -11.62 14.54
C MET A 109 12.54 -12.89 13.68
N ARG A 110 12.01 -13.94 14.26
CA ARG A 110 11.70 -15.15 13.56
C ARG A 110 10.25 -15.31 13.94
N LEU A 111 9.35 -15.08 13.01
CA LEU A 111 7.94 -15.35 13.23
C LEU A 111 7.57 -16.63 12.52
N SER A 112 6.64 -17.34 13.11
CA SER A 112 5.99 -18.47 12.46
C SER A 112 5.17 -17.87 11.31
N ASP A 113 4.84 -18.71 10.34
CA ASP A 113 4.04 -18.26 9.21
C ASP A 113 2.72 -17.69 9.68
N GLU A 114 2.13 -18.31 10.69
CA GLU A 114 0.86 -17.83 11.25
C GLU A 114 0.96 -16.49 11.98
N GLU A 115 2.04 -16.27 12.75
CA GLU A 115 2.24 -14.99 13.46
C GLU A 115 2.49 -13.88 12.44
N ARG A 116 3.20 -14.20 11.39
CA ARG A 116 3.44 -13.24 10.32
C ARG A 116 2.15 -12.80 9.61
N LEU A 117 1.31 -13.77 9.24
CA LEU A 117 -0.02 -13.47 8.65
C LEU A 117 -0.87 -12.62 9.54
N LEU A 118 -0.92 -12.98 10.84
CA LEU A 118 -1.66 -12.20 11.79
C LEU A 118 -1.23 -10.74 11.82
N TYR A 119 0.07 -10.51 11.91
CA TYR A 119 0.63 -9.19 11.91
C TYR A 119 0.34 -8.42 10.64
N LEU A 120 0.57 -9.06 9.52
CA LEU A 120 0.40 -8.35 8.24
C LEU A 120 -1.08 -8.05 8.03
N LEU A 121 -1.98 -9.02 8.32
CA LEU A 121 -3.44 -8.73 8.19
C LEU A 121 -3.90 -7.61 9.05
N SER A 122 -3.44 -7.64 10.29
CA SER A 122 -3.76 -6.64 11.30
C SER A 122 -3.49 -5.23 10.83
N ASN A 123 -2.40 -5.05 10.14
CA ASN A 123 -2.02 -3.78 9.69
C ASN A 123 -2.41 -3.42 8.25
N TYR A 124 -2.61 -4.43 7.42
CA TYR A 124 -3.08 -4.20 6.05
C TYR A 124 -4.58 -3.99 5.92
N LEU A 125 -5.37 -4.69 6.77
CA LEU A 125 -6.80 -4.60 6.75
C LEU A 125 -7.39 -4.45 8.16
N PRO A 126 -7.17 -3.30 8.79
CA PRO A 126 -7.52 -3.09 10.21
C PRO A 126 -8.99 -2.87 10.54
N SER A 127 -9.85 -2.78 9.52
CA SER A 127 -11.23 -2.52 9.77
C SER A 127 -12.20 -3.46 9.07
N ALA A 128 -13.46 -3.38 9.52
CA ALA A 128 -14.51 -4.13 8.90
C ALA A 128 -15.66 -3.24 8.49
N SER A 129 -16.50 -3.70 7.57
CA SER A 129 -17.59 -2.89 7.06
C SER A 129 -18.75 -3.82 6.72
N LEU A 130 -19.88 -3.65 7.43
CA LEU A 130 -21.02 -4.49 7.25
C LEU A 130 -21.92 -3.94 6.15
N SER A 131 -22.19 -4.71 5.11
CA SER A 131 -23.16 -4.27 4.11
C SER A 131 -24.49 -4.99 4.31
N SER A 132 -25.56 -4.26 4.05
CA SER A 132 -26.95 -4.73 4.09
C SER A 132 -27.66 -4.75 2.74
N ARG A 133 -28.90 -5.21 2.76
CA ARG A 133 -29.81 -4.96 1.61
C ARG A 133 -30.79 -3.81 1.90
N ARG A 134 -31.47 -3.32 0.84
CA ARG A 134 -32.25 -2.06 0.88
C ARG A 134 -33.65 -2.09 1.54
N ALA A 140 -40.45 -4.61 5.52
CA ALA A 140 -39.99 -4.73 6.91
C ALA A 140 -38.59 -5.38 7.04
N PRO A 141 -37.89 -5.07 8.15
CA PRO A 141 -36.57 -5.63 8.34
C PRO A 141 -36.65 -7.01 8.99
N ASP A 142 -35.87 -7.94 8.46
CA ASP A 142 -35.79 -9.29 9.01
C ASP A 142 -34.35 -9.86 8.88
N GLU A 143 -34.23 -11.15 9.15
CA GLU A 143 -32.97 -11.85 9.27
C GLU A 143 -32.19 -11.94 7.98
N THR A 144 -32.74 -11.40 6.90
CA THR A 144 -32.04 -11.44 5.63
C THR A 144 -31.31 -10.13 5.34
N LEU A 145 -31.36 -9.19 6.28
CA LEU A 145 -30.94 -7.82 6.03
C LEU A 145 -29.42 -7.75 5.81
N PHE A 146 -28.63 -8.30 6.74
CA PHE A 146 -27.18 -8.25 6.64
C PHE A 146 -26.67 -9.16 5.53
N ALA A 147 -25.81 -8.60 4.69
CA ALA A 147 -25.39 -9.29 3.52
C ALA A 147 -24.00 -9.89 3.66
N HIS A 148 -23.00 -9.07 4.00
CA HIS A 148 -21.64 -9.54 4.14
C HIS A 148 -20.83 -8.54 4.92
N VAL A 149 -19.63 -8.93 5.26
CA VAL A 149 -18.66 -8.12 6.02
C VAL A 149 -17.42 -8.07 5.18
N ALA A 150 -17.03 -6.85 4.83
CA ALA A 150 -15.85 -6.60 4.06
C ALA A 150 -14.74 -6.14 4.96
N LEU A 151 -13.59 -6.76 4.83
CA LEU A 151 -12.40 -6.26 5.43
C LEU A 151 -11.79 -5.11 4.63
N CYS A 152 -11.35 -4.08 5.32
CA CYS A 152 -10.89 -2.85 4.70
C CYS A 152 -9.92 -2.11 5.60
N VAL A 153 -9.43 -0.96 5.16
CA VAL A 153 -8.55 -0.08 5.91
C VAL A 153 -9.34 0.79 6.85
N ILE A 154 -10.33 1.54 6.36
CA ILE A 154 -11.16 2.35 7.27
C ILE A 154 -12.63 2.05 6.98
N GLY A 155 -13.36 1.63 8.00
CA GLY A 155 -14.79 1.38 7.81
C GLY A 155 -15.49 2.72 7.92
N ARG A 156 -16.62 2.83 7.24
CA ARG A 156 -17.36 4.08 7.33
C ARG A 156 -18.03 4.30 8.68
N ARG A 157 -18.32 3.22 9.43
CA ARG A 157 -19.02 3.36 10.71
C ARG A 157 -18.08 3.48 11.89
N VAL A 158 -18.50 4.30 12.86
CA VAL A 158 -17.72 4.54 14.04
C VAL A 158 -17.37 3.22 14.81
N GLY A 159 -16.11 3.11 15.21
CA GLY A 159 -15.66 2.01 16.00
C GLY A 159 -15.51 0.64 15.34
N THR A 160 -15.55 0.57 14.02
CA THR A 160 -15.41 -0.70 13.27
C THR A 160 -13.93 -1.18 12.99
N ILE A 161 -13.06 -1.06 13.98
CA ILE A 161 -11.80 -1.79 13.98
C ILE A 161 -12.01 -3.32 14.10
N VAL A 162 -11.05 -4.10 13.62
CA VAL A 162 -11.01 -5.55 13.91
C VAL A 162 -9.73 -5.93 14.64
N VAL A 163 -9.80 -7.05 15.33
CA VAL A 163 -8.61 -7.70 15.86
C VAL A 163 -8.52 -9.06 15.18
N TYR A 164 -7.32 -9.48 14.78
CA TYR A 164 -7.12 -10.82 14.28
C TYR A 164 -6.26 -11.61 15.26
N ASP A 165 -6.56 -12.88 15.49
CA ASP A 165 -5.68 -13.73 16.30
C ASP A 165 -5.91 -15.19 16.05
N ALA A 166 -5.13 -16.03 16.74
CA ALA A 166 -5.09 -17.50 16.49
C ALA A 166 -6.28 -18.31 17.09
N SER A 167 -7.03 -17.71 18.01
CA SER A 167 -8.15 -18.36 18.62
C SER A 167 -9.28 -17.34 18.70
N PRO A 168 -10.51 -17.80 18.84
CA PRO A 168 -11.60 -16.83 19.08
C PRO A 168 -11.43 -16.06 20.38
N GLU A 169 -10.86 -16.75 21.39
CA GLU A 169 -10.65 -16.17 22.71
C GLU A 169 -9.72 -15.02 22.65
N ALA A 170 -8.59 -15.22 21.97
CA ALA A 170 -7.65 -14.16 21.77
C ALA A 170 -8.21 -13.07 20.86
N ALA A 171 -8.98 -13.42 19.84
CA ALA A 171 -9.51 -12.39 18.93
C ALA A 171 -10.45 -11.40 19.65
N VAL A 172 -11.22 -11.89 20.63
CA VAL A 172 -12.18 -11.01 21.32
C VAL A 172 -11.61 -10.34 22.56
N ALA A 173 -10.48 -10.86 23.09
CA ALA A 173 -9.89 -10.37 24.37
C ALA A 173 -9.66 -8.86 24.46
N PRO A 174 -9.22 -8.22 23.35
CA PRO A 174 -8.85 -6.81 23.54
C PRO A 174 -10.00 -5.82 23.60
N PHE A 175 -11.22 -6.27 23.33
CA PHE A 175 -12.37 -5.42 23.42
C PHE A 175 -12.80 -5.27 24.88
N ARG A 176 -12.28 -4.24 25.54
CA ARG A 176 -12.51 -3.97 26.98
C ARG A 176 -13.98 -3.77 27.36
N GLN A 177 -14.78 -3.21 26.46
CA GLN A 177 -16.09 -2.81 26.84
C GLN A 177 -17.13 -3.78 26.39
N LEU A 178 -16.73 -4.80 25.66
CA LEU A 178 -17.62 -5.83 25.22
C LEU A 178 -18.18 -6.49 26.50
N SER A 179 -19.50 -6.61 26.63
CA SER A 179 -20.05 -7.20 27.84
C SER A 179 -19.67 -8.68 27.97
N ALA A 180 -19.45 -9.10 29.21
CA ALA A 180 -19.18 -10.53 29.50
C ALA A 180 -20.28 -11.44 28.96
N ARG A 181 -21.54 -11.04 29.14
CA ARG A 181 -22.66 -11.80 28.64
C ARG A 181 -22.53 -11.99 27.13
N ALA A 182 -22.30 -10.89 26.43
CA ALA A 182 -22.24 -10.95 24.97
C ALA A 182 -21.06 -11.80 24.51
N ARG A 183 -19.92 -11.63 25.17
CA ARG A 183 -18.73 -12.41 24.87
C ARG A 183 -19.00 -13.90 25.05
N SER A 184 -19.65 -14.31 26.15
CA SER A 184 -19.94 -15.71 26.32
C SER A 184 -20.91 -16.22 25.24
N GLU A 185 -22.01 -15.49 24.96
CA GLU A 185 -22.95 -15.95 23.92
C GLU A 185 -22.23 -16.09 22.54
N LEU A 186 -21.42 -15.09 22.21
CA LEU A 186 -20.63 -15.04 20.95
C LEU A 186 -19.77 -16.27 20.77
N LEU A 187 -18.90 -16.52 21.76
CA LEU A 187 -17.97 -17.68 21.74
C LEU A 187 -18.69 -19.01 21.66
N ALA A 188 -19.77 -19.17 22.42
CA ALA A 188 -20.54 -20.41 22.33
C ALA A 188 -21.21 -20.60 20.98
N ARG A 189 -21.87 -19.59 20.42
CA ARG A 189 -22.48 -19.77 19.09
C ARG A 189 -21.41 -20.04 18.02
N ALA A 190 -20.33 -19.27 18.08
CA ALA A 190 -19.27 -19.47 17.10
C ALA A 190 -18.73 -20.90 17.20
N ALA A 191 -18.67 -21.48 18.41
CA ALA A 191 -18.12 -22.84 18.57
C ALA A 191 -18.94 -23.90 17.89
N GLU A 192 -20.20 -23.58 17.62
CA GLU A 192 -21.15 -24.50 16.99
C GLU A 192 -21.41 -24.19 15.52
N SER A 193 -20.82 -23.11 15.00
CA SER A 193 -21.15 -22.70 13.64
C SER A 193 -20.78 -23.82 12.67
N PRO A 194 -21.62 -24.06 11.66
CA PRO A 194 -21.26 -25.02 10.57
C PRO A 194 -20.08 -24.59 9.67
N ASP A 195 -19.79 -23.28 9.64
CA ASP A 195 -18.70 -22.73 8.82
C ASP A 195 -17.34 -22.75 9.47
N ARG A 196 -17.28 -23.19 10.74
CA ARG A 196 -16.11 -23.02 11.54
C ARG A 196 -14.86 -23.75 11.04
N GLU A 197 -15.04 -24.84 10.32
CA GLU A 197 -13.92 -25.62 9.80
C GLU A 197 -13.74 -25.51 8.27
N ARG A 198 -14.51 -24.65 7.63
CA ARG A 198 -14.39 -24.47 6.18
C ARG A 198 -13.07 -23.91 5.79
N VAL A 199 -12.74 -24.14 4.52
CA VAL A 199 -11.58 -23.56 3.88
C VAL A 199 -12.02 -22.86 2.59
N TRP A 200 -11.29 -21.78 2.27
CA TRP A 200 -11.53 -20.96 1.12
C TRP A 200 -10.25 -20.95 0.30
N HIS A 201 -10.14 -21.85 -0.65
CA HIS A 201 -9.02 -21.83 -1.57
C HIS A 201 -9.29 -20.75 -2.63
N MET A 202 -8.35 -19.83 -2.79
CA MET A 202 -8.46 -18.79 -3.77
C MET A 202 -7.20 -18.76 -4.60
N SER A 203 -7.31 -18.32 -5.85
CA SER A 203 -6.12 -18.18 -6.61
C SER A 203 -5.29 -17.00 -6.11
N GLU A 204 -3.98 -17.23 -6.10
CA GLU A 204 -3.03 -16.24 -5.67
C GLU A 204 -3.12 -15.03 -6.55
N GLU A 205 -3.40 -15.28 -7.82
CA GLU A 205 -3.45 -14.20 -8.77
C GLU A 205 -4.62 -13.29 -8.42
N ALA A 206 -5.79 -13.86 -8.12
CA ALA A 206 -6.98 -13.05 -7.77
C ALA A 206 -6.81 -12.31 -6.44
N LEU A 207 -6.17 -12.96 -5.48
CA LEU A 207 -5.92 -12.37 -4.18
C LEU A 207 -4.99 -11.22 -4.29
N THR A 208 -3.96 -11.39 -5.10
CA THR A 208 -2.94 -10.36 -5.26
C THR A 208 -3.59 -9.15 -5.88
N ARG A 209 -4.45 -9.34 -6.87
CA ARG A 209 -5.23 -8.22 -7.39
C ARG A 209 -6.11 -7.51 -6.34
N ALA A 210 -6.83 -8.29 -5.52
CA ALA A 210 -7.72 -7.68 -4.55
C ALA A 210 -6.90 -6.86 -3.58
N LEU A 211 -5.78 -7.39 -3.12
CA LEU A 211 -4.96 -6.64 -2.15
C LEU A 211 -4.32 -5.41 -2.75
N LEU A 212 -3.85 -5.54 -3.98
CA LEU A 212 -3.35 -4.36 -4.65
C LEU A 212 -4.43 -3.28 -4.82
N SER A 213 -5.66 -3.67 -5.11
CA SER A 213 -6.76 -2.74 -5.25
C SER A 213 -6.98 -1.96 -3.93
N THR A 214 -6.88 -2.65 -2.79
CA THR A 214 -6.99 -2.00 -1.49
C THR A 214 -5.91 -0.90 -1.37
N ALA A 215 -4.70 -1.17 -1.81
CA ALA A 215 -3.60 -0.20 -1.65
C ALA A 215 -3.81 0.99 -2.58
N VAL A 216 -4.18 0.72 -3.80
CA VAL A 216 -4.33 1.84 -4.75
C VAL A 216 -5.52 2.71 -4.36
N ASN A 217 -6.64 2.10 -3.98
CA ASN A 217 -7.82 2.90 -3.51
C ASN A 217 -7.60 3.67 -2.21
N ASN A 218 -6.63 3.27 -1.41
CA ASN A 218 -6.32 4.01 -0.21
C ASN A 218 -5.02 4.83 -0.28
N MET A 219 -4.40 4.88 -1.46
CA MET A 219 -3.08 5.45 -1.49
C MET A 219 -3.09 6.92 -1.07
N LEU A 220 -4.15 7.65 -1.39
CA LEU A 220 -4.23 9.07 -1.13
C LEU A 220 -4.76 9.42 0.22
N LEU A 221 -5.18 8.45 0.99
CA LEU A 221 -5.76 8.68 2.29
C LEU A 221 -4.72 9.35 3.19
N ARG A 222 -5.16 10.42 3.82
CA ARG A 222 -4.29 11.16 4.76
C ARG A 222 -4.51 10.69 6.18
N ASP A 223 -3.46 10.71 6.99
CA ASP A 223 -3.52 10.43 8.45
C ASP A 223 -4.22 9.11 8.76
N ARG A 224 -3.93 8.12 7.93
CA ARG A 224 -4.57 6.82 8.11
C ARG A 224 -4.39 6.24 9.54
N TRP A 225 -3.19 6.32 10.11
CA TRP A 225 -2.93 5.71 11.42
C TRP A 225 -3.55 6.48 12.57
N GLU A 226 -3.77 7.77 12.38
CA GLU A 226 -4.60 8.57 13.28
C GLU A 226 -6.07 8.15 13.24
N LEU A 227 -6.62 7.99 12.03
CA LEU A 227 -7.98 7.46 11.88
C LEU A 227 -8.14 6.07 12.45
N VAL A 228 -7.13 5.21 12.28
CA VAL A 228 -7.21 3.87 12.90
C VAL A 228 -7.18 3.95 14.44
N ALA A 229 -6.26 4.74 14.97
CA ALA A 229 -6.19 4.93 16.45
C ALA A 229 -7.50 5.44 17.02
N ALA A 230 -8.17 6.35 16.31
CA ALA A 230 -9.51 6.83 16.70
C ALA A 230 -10.59 5.75 16.64
N ARG A 231 -10.57 4.94 15.58
CA ARG A 231 -11.43 3.76 15.50
C ARG A 231 -11.24 2.78 16.68
N ARG A 232 -9.99 2.56 17.04
CA ARG A 232 -9.61 1.70 18.13
C ARG A 232 -10.15 2.23 19.46
N ARG A 233 -10.03 3.53 19.66
CA ARG A 233 -10.50 4.16 20.90
C ARG A 233 -12.03 4.05 20.97
N GLU A 234 -12.71 4.42 19.88
CA GLU A 234 -14.15 4.21 19.71
C GLU A 234 -14.65 2.78 20.04
N ALA A 235 -13.88 1.75 19.65
CA ALA A 235 -14.27 0.35 19.89
C ALA A 235 -14.02 -0.06 21.35
N GLY A 236 -13.16 0.70 22.03
CA GLY A 236 -12.66 0.39 23.37
C GLY A 236 -11.51 -0.61 23.40
N VAL A 237 -10.58 -0.51 22.46
CA VAL A 237 -9.34 -1.31 22.44
C VAL A 237 -8.21 -0.39 22.98
N ARG A 238 -7.25 -0.90 23.74
CA ARG A 238 -6.33 -0.01 24.53
C ARG A 238 -5.16 0.55 23.72
N MET B 21 -0.24 2.51 -25.11
CA MET B 21 0.95 2.70 -24.25
C MET B 21 2.02 3.48 -25.04
N GLY B 22 2.75 4.38 -24.38
CA GLY B 22 4.08 4.84 -24.77
C GLY B 22 4.94 5.10 -23.52
N PRO B 23 6.20 5.49 -23.68
CA PRO B 23 7.10 5.71 -22.55
C PRO B 23 6.80 6.94 -21.72
N VAL B 24 7.16 6.89 -20.45
CA VAL B 24 7.11 8.10 -19.64
C VAL B 24 8.44 8.39 -18.99
N TYR B 25 8.64 9.61 -18.60
CA TYR B 25 9.94 10.03 -18.18
C TYR B 25 9.85 10.34 -16.72
N VAL B 26 10.96 10.18 -15.98
CA VAL B 26 10.94 10.42 -14.51
C VAL B 26 12.28 11.08 -14.19
N SER B 27 12.30 12.05 -13.31
CA SER B 27 13.52 12.71 -12.94
C SER B 27 13.49 13.21 -11.55
N GLY B 28 14.66 13.46 -11.03
CA GLY B 28 14.80 14.04 -9.65
C GLY B 28 16.20 13.96 -9.15
N TYR B 29 16.45 14.47 -7.95
CA TYR B 29 17.76 14.33 -7.34
C TYR B 29 17.86 12.94 -6.74
N LEU B 30 19.02 12.32 -6.89
CA LEU B 30 19.29 11.05 -6.26
C LEU B 30 19.83 11.29 -4.84
N ALA B 31 20.40 12.48 -4.61
CA ALA B 31 20.84 12.88 -3.28
C ALA B 31 21.14 14.36 -3.33
N LEU B 32 21.15 14.99 -2.18
CA LEU B 32 21.60 16.37 -2.10
C LEU B 32 22.81 16.40 -1.19
N TYR B 33 23.85 17.12 -1.64
CA TYR B 33 25.13 17.13 -0.92
C TYR B 33 24.88 17.77 0.41
N ASP B 34 25.48 17.20 1.47
CA ASP B 34 25.42 17.71 2.85
C ASP B 34 24.04 17.62 3.50
N ARG B 35 23.08 16.94 2.91
CA ARG B 35 21.73 16.98 3.47
C ARG B 35 21.27 15.75 4.27
N ASP B 36 22.14 14.74 4.34
CA ASP B 36 21.83 13.45 4.95
C ASP B 36 22.86 13.20 6.00
N GLY B 37 22.52 12.39 6.97
CA GLY B 37 23.55 11.99 7.95
C GLY B 37 24.21 10.67 7.58
N GLY B 38 25.46 10.55 7.99
CA GLY B 38 26.15 9.29 8.20
C GLY B 38 26.33 8.41 6.99
N GLU B 39 25.82 7.20 7.11
CA GLU B 39 25.84 6.16 6.09
C GLU B 39 25.11 6.58 4.84
N LEU B 40 24.05 7.36 4.95
CA LEU B 40 23.32 7.80 3.73
C LEU B 40 24.01 8.88 2.92
N ALA B 41 24.83 9.71 3.55
CA ALA B 41 25.34 10.90 2.87
C ALA B 41 26.10 10.43 1.65
N LEU B 42 25.86 11.12 0.56
CA LEU B 42 26.64 10.95 -0.64
C LEU B 42 27.49 12.21 -0.80
N THR B 43 28.80 12.03 -0.90
CA THR B 43 29.68 13.18 -0.97
C THR B 43 30.01 13.48 -2.42
N ARG B 44 30.62 14.66 -2.63
CA ARG B 44 30.96 15.13 -3.96
C ARG B 44 32.00 14.22 -4.57
N GLU B 45 32.88 13.72 -3.71
CA GLU B 45 34.00 12.90 -4.09
C GLU B 45 33.49 11.53 -4.49
N ILE B 46 32.59 10.95 -3.70
CA ILE B 46 32.03 9.65 -4.09
C ILE B 46 31.31 9.77 -5.44
N VAL B 47 30.52 10.82 -5.61
CA VAL B 47 29.73 10.96 -6.85
C VAL B 47 30.62 11.13 -8.11
N ALA B 48 31.65 11.96 -7.97
CA ALA B 48 32.68 12.10 -9.03
C ALA B 48 33.29 10.73 -9.39
N ALA B 49 33.63 9.89 -8.38
CA ALA B 49 34.19 8.55 -8.64
C ALA B 49 33.17 7.57 -9.29
N ALA B 50 31.88 7.80 -8.99
CA ALA B 50 30.83 6.88 -9.40
C ALA B 50 30.31 7.15 -10.81
N LEU B 51 30.61 8.33 -11.37
CA LEU B 51 30.03 8.74 -12.66
C LEU B 51 31.06 8.86 -13.78
N PRO B 52 30.70 8.46 -15.01
CA PRO B 52 29.42 7.86 -15.35
C PRO B 52 29.33 6.41 -14.90
N PRO B 53 28.11 5.90 -14.70
CA PRO B 53 27.95 4.51 -14.32
C PRO B 53 28.62 3.56 -15.30
N ALA B 54 29.24 2.52 -14.79
CA ALA B 54 29.93 1.57 -15.62
C ALA B 54 29.00 0.89 -16.61
N GLY B 55 27.74 0.72 -16.26
CA GLY B 55 26.75 0.23 -17.20
C GLY B 55 25.49 1.02 -16.91
N PRO B 56 24.47 0.94 -17.76
CA PRO B 56 23.22 1.68 -17.46
C PRO B 56 22.54 1.16 -16.17
N LEU B 57 22.05 2.07 -15.34
CA LEU B 57 21.37 1.71 -14.10
C LEU B 57 19.89 1.43 -14.33
N PRO B 58 19.41 0.25 -13.98
CA PRO B 58 17.97 0.08 -14.18
C PRO B 58 17.11 0.78 -13.17
N ILE B 59 15.85 0.89 -13.51
CA ILE B 59 14.84 1.42 -12.64
C ILE B 59 13.90 0.28 -12.31
N ASN B 60 13.74 -0.02 -11.00
CA ASN B 60 12.89 -1.13 -10.56
C ASN B 60 11.93 -0.59 -9.55
N ILE B 61 11.08 -1.47 -9.03
CA ILE B 61 10.08 -1.06 -8.08
C ILE B 61 10.53 -1.59 -6.71
N ASP B 62 10.74 -0.67 -5.76
CA ASP B 62 10.95 -1.04 -4.32
C ASP B 62 12.18 -1.96 -4.15
N HIS B 63 13.19 -1.82 -5.02
CA HIS B 63 14.43 -2.64 -5.00
C HIS B 63 14.22 -4.12 -5.36
N ARG B 64 13.02 -4.49 -5.77
CA ARG B 64 12.77 -5.87 -6.05
C ARG B 64 13.59 -6.32 -7.23
N PRO B 65 14.19 -7.51 -7.15
CA PRO B 65 14.94 -8.01 -8.30
C PRO B 65 13.94 -8.56 -9.30
N ARG B 66 14.34 -8.63 -10.55
CA ARG B 66 13.44 -9.15 -11.56
C ARG B 66 12.18 -8.30 -11.76
N CYS B 67 12.22 -6.99 -11.48
CA CYS B 67 11.08 -6.13 -11.80
CA CYS B 67 11.07 -6.12 -11.74
C CYS B 67 11.58 -4.77 -12.29
N ASP B 68 12.40 -4.83 -13.31
CA ASP B 68 12.84 -3.63 -13.98
C ASP B 68 11.74 -3.14 -14.90
N ILE B 69 11.46 -1.85 -14.81
CA ILE B 69 10.48 -1.23 -15.60
C ILE B 69 11.04 -0.05 -16.45
N GLY B 70 12.34 0.22 -16.36
CA GLY B 70 12.95 1.29 -17.11
C GLY B 70 14.43 1.34 -16.84
N ALA B 71 15.05 2.48 -17.15
CA ALA B 71 16.46 2.67 -16.95
C ALA B 71 16.76 4.18 -16.85
N VAL B 72 17.81 4.50 -16.12
CA VAL B 72 18.31 5.85 -16.01
C VAL B 72 18.95 6.14 -17.32
N LEU B 73 18.55 7.25 -17.96
CA LEU B 73 19.16 7.65 -19.24
C LEU B 73 20.38 8.55 -19.03
N ALA B 74 20.44 9.25 -17.92
CA ALA B 74 21.57 10.11 -17.69
C ALA B 74 21.59 10.49 -16.23
N VAL B 75 22.77 10.61 -15.67
CA VAL B 75 22.93 11.22 -14.32
C VAL B 75 23.85 12.39 -14.42
N VAL B 76 23.53 13.51 -13.80
CA VAL B 76 24.46 14.66 -13.91
C VAL B 76 24.87 15.05 -12.53
N ASP B 77 26.09 15.53 -12.41
CA ASP B 77 26.57 16.02 -11.11
C ASP B 77 26.24 17.50 -11.01
N ASP B 78 25.01 17.82 -10.61
CA ASP B 78 24.61 19.19 -10.38
C ASP B 78 25.31 19.76 -9.16
N ASP B 79 25.34 21.07 -9.03
CA ASP B 79 25.95 21.67 -7.83
C ASP B 79 25.35 21.21 -6.51
N ARG B 80 24.05 20.95 -6.45
CA ARG B 80 23.41 20.60 -5.19
C ARG B 80 23.40 19.10 -4.92
N GLY B 81 23.76 18.30 -5.91
CA GLY B 81 23.65 16.87 -5.86
C GLY B 81 23.53 16.21 -7.22
N PRO B 82 23.67 14.88 -7.25
CA PRO B 82 23.47 14.09 -8.48
C PRO B 82 21.99 14.04 -8.83
N PHE B 83 21.69 14.24 -10.10
CA PHE B 83 20.35 14.39 -10.63
C PHE B 83 20.21 13.44 -11.82
N PHE B 84 19.10 12.74 -11.90
CA PHE B 84 18.87 11.78 -12.98
C PHE B 84 17.64 12.06 -13.76
N LEU B 85 17.65 11.51 -14.96
CA LEU B 85 16.51 11.40 -15.90
C LEU B 85 16.39 9.97 -16.32
N GLY B 86 15.21 9.41 -16.15
CA GLY B 86 14.95 8.04 -16.51
C GLY B 86 13.79 7.89 -17.45
N VAL B 87 13.69 6.71 -18.05
CA VAL B 87 12.54 6.34 -18.82
C VAL B 87 11.89 5.14 -18.14
N VAL B 88 10.56 5.09 -18.18
CA VAL B 88 9.78 3.95 -17.67
C VAL B 88 8.87 3.57 -18.84
N ASN B 89 8.99 2.33 -19.29
CA ASN B 89 8.19 1.92 -20.41
C ASN B 89 7.88 0.47 -20.30
N CYS B 90 6.90 0.15 -19.47
CA CYS B 90 6.41 -1.18 -19.21
C CYS B 90 4.95 -1.18 -19.62
N PRO B 91 4.63 -1.80 -20.76
CA PRO B 91 3.24 -1.75 -21.24
C PRO B 91 2.22 -2.25 -20.23
N GLN B 92 2.58 -3.21 -19.41
CA GLN B 92 1.59 -3.81 -18.53
C GLN B 92 1.25 -2.93 -17.29
N LEU B 93 2.08 -1.92 -17.02
CA LEU B 93 1.93 -1.11 -15.84
C LEU B 93 0.60 -0.38 -15.83
N GLY B 94 0.21 0.13 -16.99
CA GLY B 94 -0.98 0.95 -17.10
C GLY B 94 -2.20 0.09 -16.90
N ALA B 95 -2.13 -1.09 -17.47
CA ALA B 95 -3.18 -2.07 -17.39
C ALA B 95 -3.41 -2.54 -15.91
N VAL B 96 -2.31 -2.85 -15.23
CA VAL B 96 -2.39 -3.34 -13.83
C VAL B 96 -2.93 -2.24 -12.95
N LEU B 97 -2.43 -1.03 -13.12
CA LEU B 97 -2.90 0.10 -12.31
C LEU B 97 -4.34 0.45 -12.58
N ALA B 98 -4.73 0.39 -13.81
CA ALA B 98 -6.09 0.80 -14.13
C ALA B 98 -7.07 -0.25 -13.60
N ARG B 99 -6.67 -1.51 -13.65
CA ARG B 99 -7.54 -2.57 -13.15
C ARG B 99 -7.72 -2.44 -11.61
N ALA B 100 -6.75 -1.88 -10.90
CA ALA B 100 -6.80 -1.79 -9.46
C ALA B 100 -7.75 -0.74 -8.96
N VAL B 101 -7.91 0.38 -9.67
CA VAL B 101 -8.78 1.46 -9.15
C VAL B 101 -10.24 1.20 -9.33
N GLY B 102 -10.99 1.55 -8.31
CA GLY B 102 -12.43 1.41 -8.33
C GLY B 102 -13.02 2.12 -9.55
N PRO B 103 -14.23 1.73 -9.96
CA PRO B 103 -14.88 2.27 -11.19
C PRO B 103 -15.11 3.81 -11.19
N ASP B 104 -15.45 4.37 -10.03
CA ASP B 104 -15.66 5.80 -9.91
C ASP B 104 -14.48 6.53 -9.26
N PHE B 105 -13.26 6.04 -9.49
CA PHE B 105 -12.08 6.65 -8.87
C PHE B 105 -11.80 8.03 -9.41
N PHE B 106 -11.88 8.20 -10.71
CA PHE B 106 -11.64 9.53 -11.29
C PHE B 106 -12.91 10.42 -11.42
N GLY B 107 -14.05 9.94 -10.92
CA GLY B 107 -15.32 10.68 -10.97
C GLY B 107 -15.75 11.06 -12.35
N ASP B 108 -16.10 12.33 -12.52
CA ASP B 108 -16.49 12.89 -13.82
C ASP B 108 -15.32 13.13 -14.78
N MET B 109 -14.09 13.22 -14.25
CA MET B 109 -12.92 13.53 -15.07
C MET B 109 -12.81 12.71 -16.35
N ARG B 110 -12.48 13.35 -17.46
CA ARG B 110 -12.07 12.60 -18.64
C ARG B 110 -10.58 12.70 -18.76
N LEU B 111 -9.88 11.57 -18.81
CA LEU B 111 -8.44 11.54 -18.96
C LEU B 111 -7.97 10.50 -19.98
N SER B 112 -6.89 10.79 -20.68
CA SER B 112 -6.29 9.81 -21.57
C SER B 112 -5.68 8.66 -20.73
N ASP B 113 -5.38 7.58 -21.42
CA ASP B 113 -4.74 6.47 -20.80
C ASP B 113 -3.40 6.93 -20.26
N GLU B 114 -2.70 7.70 -21.08
CA GLU B 114 -1.42 8.19 -20.65
C GLU B 114 -1.55 9.07 -19.36
N GLU B 115 -2.57 9.94 -19.30
CA GLU B 115 -2.73 10.79 -18.12
C GLU B 115 -3.17 10.00 -16.87
N ARG B 116 -4.04 9.00 -16.98
CA ARG B 116 -4.35 8.18 -15.80
C ARG B 116 -3.11 7.46 -15.24
N LEU B 117 -2.36 6.88 -16.13
CA LEU B 117 -1.11 6.24 -15.77
C LEU B 117 -0.22 7.20 -15.07
N LEU B 118 0.00 8.40 -15.64
CA LEU B 118 0.85 9.37 -14.98
C LEU B 118 0.33 9.74 -13.58
N TYR B 119 -0.98 9.91 -13.42
CA TYR B 119 -1.54 10.24 -12.11
C TYR B 119 -1.32 9.14 -11.08
N LEU B 120 -1.62 7.91 -11.46
CA LEU B 120 -1.47 6.80 -10.55
C LEU B 120 0.01 6.54 -10.17
N LEU B 121 0.90 6.64 -11.13
CA LEU B 121 2.30 6.42 -10.85
C LEU B 121 2.87 7.48 -10.02
N SER B 122 2.51 8.73 -10.31
CA SER B 122 2.94 9.85 -9.52
C SER B 122 2.58 9.72 -8.07
N ASN B 123 1.39 9.21 -7.81
CA ASN B 123 0.96 9.11 -6.45
C ASN B 123 1.26 7.80 -5.76
N TYR B 124 1.41 6.72 -6.51
CA TYR B 124 1.77 5.44 -5.92
C TYR B 124 3.26 5.35 -5.61
N LEU B 125 4.08 5.95 -6.48
CA LEU B 125 5.56 5.87 -6.36
C LEU B 125 6.19 7.28 -6.51
N PRO B 126 5.92 8.16 -5.55
CA PRO B 126 6.36 9.56 -5.73
C PRO B 126 7.83 9.84 -5.47
N SER B 127 8.64 8.82 -5.12
CA SER B 127 10.06 9.05 -4.77
C SER B 127 10.98 8.04 -5.42
N ALA B 128 12.25 8.38 -5.35
CA ALA B 128 13.33 7.51 -5.83
C ALA B 128 14.34 7.22 -4.74
N SER B 129 14.98 6.07 -4.90
CA SER B 129 15.98 5.60 -3.99
C SER B 129 17.18 4.97 -4.74
N LEU B 130 18.35 5.60 -4.61
CA LEU B 130 19.55 5.12 -5.25
C LEU B 130 20.27 4.08 -4.37
N SER B 131 20.48 2.92 -4.96
CA SER B 131 21.05 1.84 -4.27
C SER B 131 22.46 1.63 -4.81
N SER B 132 23.38 1.35 -3.90
CA SER B 132 24.80 1.23 -4.16
C SER B 132 25.30 -0.10 -3.67
N ARG B 133 26.37 -0.60 -4.28
CA ARG B 133 27.04 -1.82 -3.81
C ARG B 133 27.65 -1.57 -2.45
N ARG B 134 27.63 -2.58 -1.59
CA ARG B 134 28.32 -2.51 -0.32
C ARG B 134 29.80 -2.76 -0.56
N LEU B 135 30.65 -1.76 -0.36
CA LEU B 135 32.10 -1.89 -0.59
C LEU B 135 32.79 -2.47 0.62
N ALA B 136 33.84 -3.26 0.37
CA ALA B 136 34.56 -3.97 1.40
C ALA B 136 35.47 -3.01 2.16
N PRO B 137 36.02 -3.48 3.30
CA PRO B 137 36.95 -2.62 4.02
C PRO B 137 38.15 -2.19 3.16
N GLY B 138 38.22 -0.88 2.89
CA GLY B 138 39.33 -0.29 2.11
C GLY B 138 39.21 -0.41 0.60
N GLU B 139 38.00 -0.72 0.13
CA GLU B 139 37.73 -0.82 -1.31
C GLU B 139 37.33 0.56 -1.76
N ALA B 140 37.96 1.05 -2.81
CA ALA B 140 37.68 2.40 -3.30
C ALA B 140 36.43 2.43 -4.17
N PRO B 141 35.63 3.52 -4.06
CA PRO B 141 34.55 3.75 -5.03
C PRO B 141 35.02 3.92 -6.45
N ASP B 142 34.29 3.32 -7.36
CA ASP B 142 34.49 3.53 -8.79
C ASP B 142 33.13 3.57 -9.50
N GLU B 143 33.18 3.45 -10.82
CA GLU B 143 31.97 3.41 -11.62
C GLU B 143 31.08 2.18 -11.46
N THR B 144 31.48 1.17 -10.71
CA THR B 144 30.54 0.08 -10.38
C THR B 144 29.73 0.35 -9.11
N LEU B 145 29.89 1.52 -8.50
CA LEU B 145 29.33 1.74 -7.18
C LEU B 145 27.78 1.69 -7.25
N PHE B 146 27.20 2.48 -8.14
CA PHE B 146 25.72 2.61 -8.24
C PHE B 146 25.10 1.39 -8.87
N ALA B 147 24.07 0.83 -8.24
CA ALA B 147 23.49 -0.42 -8.73
C ALA B 147 22.17 -0.18 -9.44
N HIS B 148 21.28 0.58 -8.81
CA HIS B 148 20.00 0.76 -9.41
C HIS B 148 19.25 1.90 -8.75
N VAL B 149 18.21 2.35 -9.44
CA VAL B 149 17.25 3.28 -8.86
C VAL B 149 15.91 2.59 -8.63
N ALA B 150 15.49 2.59 -7.36
CA ALA B 150 14.19 2.06 -7.00
C ALA B 150 13.15 3.19 -6.87
N LEU B 151 12.03 3.10 -7.57
CA LEU B 151 10.89 3.93 -7.27
C LEU B 151 10.19 3.47 -6.00
N CYS B 152 9.74 4.41 -5.16
CA CYS B 152 9.23 4.10 -3.83
C CYS B 152 8.33 5.23 -3.37
N VAL B 153 7.88 5.22 -2.10
CA VAL B 153 6.99 6.22 -1.56
C VAL B 153 7.82 7.34 -0.96
N ILE B 154 8.64 6.99 0.01
CA ILE B 154 9.57 7.88 0.62
C ILE B 154 10.98 7.30 0.55
N GLY B 155 11.86 8.00 -0.14
CA GLY B 155 13.27 7.65 -0.10
C GLY B 155 13.90 8.05 1.20
N ARG B 156 14.94 7.35 1.58
CA ARG B 156 15.62 7.65 2.84
C ARG B 156 16.48 8.90 2.72
N ARG B 157 16.81 9.33 1.51
CA ARG B 157 17.66 10.54 1.35
C ARG B 157 16.85 11.80 1.21
N VAL B 158 17.27 12.88 1.82
CA VAL B 158 16.60 14.18 1.66
C VAL B 158 16.40 14.59 0.20
N GLY B 159 15.22 15.09 -0.11
CA GLY B 159 14.98 15.70 -1.40
C GLY B 159 14.82 14.80 -2.60
N THR B 160 14.56 13.51 -2.37
CA THR B 160 14.45 12.50 -3.40
C THR B 160 13.01 12.23 -3.94
N ILE B 161 12.25 13.30 -4.13
CA ILE B 161 10.99 13.24 -4.81
C ILE B 161 11.32 13.06 -6.30
N VAL B 162 10.38 12.48 -7.05
CA VAL B 162 10.44 12.44 -8.50
C VAL B 162 9.26 13.15 -9.13
N VAL B 163 9.47 13.57 -10.39
CA VAL B 163 8.44 14.08 -11.25
C VAL B 163 8.37 13.06 -12.40
N TYR B 164 7.17 12.68 -12.72
CA TYR B 164 6.88 11.91 -13.95
C TYR B 164 6.18 12.78 -15.00
N ASP B 165 6.54 12.62 -16.26
CA ASP B 165 5.80 13.33 -17.35
C ASP B 165 5.99 12.62 -18.67
N ALA B 166 5.25 13.03 -19.68
CA ALA B 166 5.23 12.42 -20.98
C ALA B 166 6.40 12.77 -21.87
N SER B 167 7.18 13.77 -21.53
CA SER B 167 8.43 14.02 -22.22
C SER B 167 9.53 14.38 -21.22
N PRO B 168 10.81 14.23 -21.65
CA PRO B 168 11.91 14.45 -20.77
C PRO B 168 12.00 15.89 -20.35
N GLU B 169 11.83 16.82 -21.26
CA GLU B 169 11.99 18.22 -20.90
C GLU B 169 10.92 18.64 -19.86
N ALA B 170 9.71 18.09 -19.99
CA ALA B 170 8.64 18.40 -19.03
C ALA B 170 8.91 17.73 -17.68
N ALA B 171 9.51 16.53 -17.68
CA ALA B 171 9.85 15.84 -16.40
C ALA B 171 10.86 16.62 -15.58
N VAL B 172 11.77 17.30 -16.24
CA VAL B 172 12.83 18.00 -15.53
C VAL B 172 12.46 19.43 -15.18
N ALA B 173 11.49 19.99 -15.88
CA ALA B 173 11.17 21.42 -15.73
C ALA B 173 10.81 21.88 -14.28
N PRO B 174 10.15 21.06 -13.48
CA PRO B 174 9.76 21.57 -12.17
C PRO B 174 10.87 21.82 -11.18
N PHE B 175 12.07 21.33 -11.50
CA PHE B 175 13.20 21.44 -10.57
C PHE B 175 13.85 22.81 -10.77
N ARG B 176 13.34 23.76 -10.00
CA ARG B 176 13.73 25.16 -10.06
C ARG B 176 15.19 25.44 -9.73
N GLN B 177 15.85 24.63 -8.92
CA GLN B 177 17.22 24.95 -8.55
C GLN B 177 18.24 24.13 -9.37
N LEU B 178 17.78 23.26 -10.28
CA LEU B 178 18.68 22.53 -11.13
C LEU B 178 19.37 23.58 -12.01
N SER B 179 20.69 23.54 -12.13
CA SER B 179 21.39 24.53 -12.96
C SER B 179 21.12 24.31 -14.43
N ALA B 180 21.21 25.38 -15.19
CA ALA B 180 20.98 25.29 -16.64
C ALA B 180 22.03 24.40 -17.30
N ARG B 181 23.27 24.53 -16.83
CA ARG B 181 24.36 23.72 -17.32
C ARG B 181 24.00 22.25 -17.16
N ALA B 182 23.61 21.87 -15.96
CA ALA B 182 23.39 20.49 -15.68
C ALA B 182 22.18 20.01 -16.38
N ARG B 183 21.14 20.84 -16.46
CA ARG B 183 19.97 20.52 -17.27
C ARG B 183 20.32 20.21 -18.74
N SER B 184 21.10 21.07 -19.39
CA SER B 184 21.49 20.83 -20.80
C SER B 184 22.29 19.58 -20.99
N GLU B 185 23.23 19.38 -20.08
CA GLU B 185 24.12 18.21 -20.16
C GLU B 185 23.29 16.95 -19.97
N LEU B 186 22.39 17.00 -19.00
CA LEU B 186 21.52 15.89 -18.71
C LEU B 186 20.68 15.52 -19.94
N LEU B 187 20.05 16.50 -20.57
CA LEU B 187 19.12 16.21 -21.65
C LEU B 187 19.84 15.70 -22.87
N ALA B 188 21.06 16.18 -23.07
CA ALA B 188 21.91 15.76 -24.18
C ALA B 188 22.35 14.31 -24.03
N ARG B 189 22.85 13.96 -22.84
CA ARG B 189 23.31 12.59 -22.58
C ARG B 189 22.15 11.63 -22.74
N ALA B 190 20.98 12.03 -22.25
CA ALA B 190 19.77 11.20 -22.29
C ALA B 190 19.24 10.95 -23.68
N ALA B 191 19.35 11.97 -24.51
CA ALA B 191 18.92 11.88 -25.92
C ALA B 191 19.70 10.88 -26.76
N GLU B 192 20.88 10.46 -26.28
CA GLU B 192 21.70 9.45 -26.96
C GLU B 192 21.92 8.13 -26.20
N SER B 193 21.15 7.91 -25.13
CA SER B 193 21.22 6.66 -24.40
C SER B 193 20.73 5.51 -25.26
N PRO B 194 21.39 4.35 -25.18
CA PRO B 194 20.89 3.11 -25.79
C PRO B 194 19.50 2.66 -25.31
N ASP B 195 19.13 3.08 -24.11
CA ASP B 195 17.93 2.60 -23.49
C ASP B 195 16.70 3.38 -23.82
N ARG B 196 16.85 4.40 -24.65
CA ARG B 196 15.84 5.42 -24.85
C ARG B 196 14.58 4.93 -25.50
N GLU B 197 14.71 3.93 -26.34
CA GLU B 197 13.53 3.38 -27.01
C GLU B 197 13.20 1.98 -26.54
N ARG B 198 13.90 1.48 -25.54
CA ARG B 198 13.64 0.15 -25.01
C ARG B 198 12.24 0.04 -24.42
N VAL B 199 11.77 -1.21 -24.34
CA VAL B 199 10.47 -1.53 -23.71
C VAL B 199 10.72 -2.70 -22.74
N TRP B 200 10.19 -2.59 -21.54
CA TRP B 200 10.35 -3.61 -20.52
C TRP B 200 9.01 -4.37 -20.36
N HIS B 201 8.93 -5.59 -20.86
CA HIS B 201 7.75 -6.37 -20.72
C HIS B 201 7.84 -7.17 -19.41
N MET B 202 6.73 -7.37 -18.74
CA MET B 202 6.62 -8.23 -17.54
C MET B 202 5.28 -8.89 -17.62
N SER B 203 5.08 -10.05 -17.04
CA SER B 203 3.72 -10.56 -16.90
C SER B 203 2.94 -9.67 -15.91
N GLU B 204 1.63 -9.62 -16.11
CA GLU B 204 0.74 -8.93 -15.21
C GLU B 204 0.87 -9.45 -13.83
N GLU B 205 1.04 -10.75 -13.69
CA GLU B 205 1.13 -11.36 -12.37
C GLU B 205 2.38 -10.88 -11.64
N ALA B 206 3.52 -10.86 -12.32
CA ALA B 206 4.75 -10.35 -11.71
C ALA B 206 4.71 -8.84 -11.34
N LEU B 207 4.11 -8.06 -12.19
CA LEU B 207 4.02 -6.64 -11.94
C LEU B 207 3.09 -6.40 -10.74
N THR B 208 1.97 -7.10 -10.74
CA THR B 208 1.00 -6.96 -9.65
C THR B 208 1.69 -7.23 -8.30
N ARG B 209 2.47 -8.31 -8.26
CA ARG B 209 3.22 -8.68 -7.08
C ARG B 209 4.17 -7.60 -6.66
N ALA B 210 4.87 -7.01 -7.63
CA ALA B 210 5.83 -5.94 -7.38
C ALA B 210 5.14 -4.74 -6.78
N LEU B 211 4.01 -4.34 -7.34
CA LEU B 211 3.26 -3.20 -6.79
C LEU B 211 2.69 -3.48 -5.39
N LEU B 212 2.19 -4.69 -5.13
CA LEU B 212 1.70 -5.06 -3.81
C LEU B 212 2.81 -5.02 -2.75
N SER B 213 4.01 -5.46 -3.16
CA SER B 213 5.16 -5.38 -2.31
C SER B 213 5.39 -3.96 -1.78
N THR B 214 5.27 -2.96 -2.65
CA THR B 214 5.43 -1.56 -2.25
C THR B 214 4.41 -1.19 -1.18
N ALA B 215 3.17 -1.59 -1.38
CA ALA B 215 2.08 -1.29 -0.46
C ALA B 215 2.36 -1.96 0.89
N VAL B 216 2.69 -3.24 0.89
CA VAL B 216 2.91 -3.95 2.12
C VAL B 216 4.07 -3.40 2.92
N ASN B 217 5.17 -3.14 2.25
CA ASN B 217 6.34 -2.57 2.91
C ASN B 217 6.17 -1.19 3.37
N ASN B 218 5.21 -0.44 2.83
CA ASN B 218 5.00 0.93 3.27
C ASN B 218 3.74 1.18 4.10
N MET B 219 3.03 0.08 4.41
CA MET B 219 1.73 0.17 5.07
C MET B 219 1.84 0.89 6.40
N LEU B 220 2.95 0.70 7.11
CA LEU B 220 3.11 1.24 8.47
C LEU B 220 3.55 2.69 8.55
N LEU B 221 3.86 3.27 7.41
CA LEU B 221 4.45 4.59 7.37
C LEU B 221 3.43 5.62 7.82
N ARG B 222 3.84 6.46 8.76
CA ARG B 222 3.04 7.53 9.27
C ARG B 222 3.30 8.80 8.51
N ASP B 223 2.25 9.61 8.39
CA ASP B 223 2.32 10.96 7.85
C ASP B 223 2.94 10.97 6.44
N ARG B 224 2.67 10.00 5.61
CA ARG B 224 3.34 9.90 4.32
C ARG B 224 3.13 11.11 3.41
N TRP B 225 1.96 11.72 3.44
CA TRP B 225 1.73 12.83 2.54
C TRP B 225 2.43 14.12 3.03
N GLU B 226 2.59 14.31 4.33
CA GLU B 226 3.44 15.40 4.83
C GLU B 226 4.92 15.09 4.50
N LEU B 227 5.36 13.84 4.63
CA LEU B 227 6.75 13.51 4.24
C LEU B 227 6.99 13.76 2.74
N VAL B 228 6.04 13.39 1.90
CA VAL B 228 6.13 13.70 0.47
C VAL B 228 6.22 15.20 0.25
N ALA B 229 5.42 16.00 0.96
CA ALA B 229 5.48 17.45 0.78
C ALA B 229 6.81 17.96 1.22
N ALA B 230 7.33 17.41 2.30
CA ALA B 230 8.68 17.84 2.70
C ALA B 230 9.76 17.49 1.68
N ARG B 231 9.69 16.31 1.07
CA ARG B 231 10.68 15.93 0.07
C ARG B 231 10.64 16.87 -1.11
N ARG B 232 9.41 17.27 -1.44
CA ARG B 232 9.18 18.17 -2.54
C ARG B 232 9.83 19.52 -2.24
N ARG B 233 9.67 20.01 -1.00
CA ARG B 233 10.26 21.31 -0.67
C ARG B 233 11.78 21.21 -0.75
N GLU B 234 12.31 20.12 -0.25
CA GLU B 234 13.74 19.91 -0.18
C GLU B 234 14.41 19.87 -1.57
N ALA B 235 13.72 19.28 -2.51
CA ALA B 235 14.15 19.21 -3.87
C ALA B 235 14.06 20.55 -4.61
N GLY B 236 13.20 21.47 -4.15
CA GLY B 236 13.00 22.72 -4.91
C GLY B 236 11.87 22.66 -5.93
N VAL B 237 10.90 21.81 -5.68
CA VAL B 237 9.77 21.62 -6.55
C VAL B 237 8.62 22.38 -5.90
N ARG B 238 7.89 23.18 -6.68
CA ARG B 238 6.89 24.04 -6.09
C ARG B 238 5.89 23.15 -5.36
N GLY B 239 5.63 23.52 -4.10
CA GLY B 239 4.80 22.73 -3.21
C GLY B 239 3.37 22.63 -3.75
N HIS B 240 2.74 21.50 -3.51
CA HIS B 240 1.39 21.28 -3.97
C HIS B 240 0.55 21.91 -2.93
N THR B 241 -0.22 22.90 -3.33
CA THR B 241 -1.21 23.50 -2.46
C THR B 241 -2.51 22.68 -2.37
N TYR B 242 -3.10 22.57 -1.18
CA TYR B 242 -4.37 21.85 -1.02
C TYR B 242 -5.41 22.71 -0.32
N LEU B 243 -5.42 24.01 -0.65
CA LEU B 243 -6.25 25.05 -0.02
C LEU B 243 -7.44 25.56 -0.85
N GLN B 244 -8.10 24.70 -1.63
CA GLN B 244 -9.26 25.08 -2.47
C GLN B 244 -10.10 23.83 -2.84
#